data_7O1H
#
_entry.id   7O1H
#
_entity_poly.entity_id   1
_entity_poly.type   'polydeoxyribonucleotide'
_entity_poly.pdbx_seq_one_letter_code
;(THM)(DG)(DA)(DG)(DG)(DG)(DT)(DG)(DG)(DG)(DT)(DG)(DG)(DG)(DA)(DC)(DG)(DC)(DG)
(DC)(DA)(DG)(DC)(DG)(DT)(BGM)(DG)(BGM)(DT)(DA)(DA)
;
_entity_poly.pdbx_strand_id   A
#